data_7VI5
# 
_entry.id   7VI5 
# 
_audit_conform.dict_name       mmcif_pdbx.dic 
_audit_conform.dict_version    5.380 
_audit_conform.dict_location   http://mmcif.pdb.org/dictionaries/ascii/mmcif_pdbx.dic 
# 
loop_
_database_2.database_id 
_database_2.database_code 
_database_2.pdbx_database_accession 
_database_2.pdbx_DOI 
PDB   7VI5         pdb_00007vi5 10.2210/pdb7vi5/pdb 
WWPDB D_1300024728 ?            ?                   
# 
_pdbx_database_status.status_code                     REL 
_pdbx_database_status.status_code_sf                  REL 
_pdbx_database_status.status_code_mr                  ? 
_pdbx_database_status.entry_id                        7VI5 
_pdbx_database_status.recvd_initial_deposition_date   2021-09-24 
_pdbx_database_status.SG_entry                        N 
_pdbx_database_status.deposit_site                    PDBJ 
_pdbx_database_status.process_site                    PDBJ 
_pdbx_database_status.status_code_cs                  ? 
_pdbx_database_status.status_code_nmr_data            ? 
_pdbx_database_status.methods_development_category    ? 
_pdbx_database_status.pdb_format_compatible           Y 
# 
loop_
_audit_author.name 
_audit_author.pdbx_ordinal 
_audit_author.identifier_ORCID 
'Takaba, K.'        1 ? 
'Maki-Yonekura, S.' 2 ? 
'Sekiyama, N.'      3 ? 
'Imamura, K.'       4 ? 
'Kodama, T.'        5 ? 
'Tochio, H.'        6 ? 
'Yonekura, K.'      7 ? 
# 
_citation.abstract                  ? 
_citation.abstract_id_CAS           ? 
_citation.book_id_ISBN              ? 
_citation.book_publisher            ? 
_citation.book_publisher_city       ? 
_citation.book_title                ? 
_citation.coordinate_linkage        ? 
_citation.country                   US 
_citation.database_id_Medline       ? 
_citation.details                   ? 
_citation.id                        primary 
_citation.journal_abbrev            Proc.Natl.Acad.Sci.USA 
_citation.journal_id_ASTM           PNASA6 
_citation.journal_id_CSD            0040 
_citation.journal_id_ISSN           1091-6490 
_citation.journal_full              ? 
_citation.journal_issue             ? 
_citation.journal_volume            119 
_citation.language                  ? 
_citation.page_first                e2122523119 
_citation.page_last                 e2122523119 
_citation.title                     'ALS mutations in the TIA-1 prion-like domain trigger highly condensed pathogenic structures.' 
_citation.year                      2022 
_citation.database_id_CSD           ? 
_citation.pdbx_database_id_DOI      10.1073/pnas.2122523119 
_citation.pdbx_database_id_PubMed   36112647 
_citation.pdbx_database_id_patent   ? 
_citation.unpublished_flag          ? 
# 
loop_
_citation_author.citation_id 
_citation_author.name 
_citation_author.ordinal 
_citation_author.identifier_ORCID 
primary 'Sekiyama, N.'      1  0000-0003-4537-6565 
primary 'Takaba, K.'        2  ?                   
primary 'Maki-Yonekura, S.' 3  ?                   
primary 'Akagi, K.I.'       4  0000-0002-7051-4598 
primary 'Ohtani, Y.'        5  ?                   
primary 'Imamura, K.'       6  0000-0002-2141-8495 
primary 'Terakawa, T.'      7  ?                   
primary 'Yamashita, K.'     8  ?                   
primary 'Inaoka, D.'        9  0000-0002-8643-4031 
primary 'Yonekura, K.'      10 0000-0001-5520-4391 
primary 'Kodama, T.S.'      11 0000-0001-6820-1907 
primary 'Tochio, H.'        12 0000-0003-3843-3330 
# 
_cell.angle_alpha                  90.000 
_cell.angle_alpha_esd              ? 
_cell.angle_beta                   90.000 
_cell.angle_beta_esd               ? 
_cell.angle_gamma                  120.000 
_cell.angle_gamma_esd              ? 
_cell.entry_id                     7VI5 
_cell.details                      ? 
_cell.formula_units_Z              ? 
_cell.length_a                     43.570 
_cell.length_a_esd                 ? 
_cell.length_b                     43.570 
_cell.length_b_esd                 ? 
_cell.length_c                     9.630 
_cell.length_c_esd                 ? 
_cell.volume                       ? 
_cell.volume_esd                   ? 
_cell.Z_PDB                        6 
_cell.reciprocal_angle_alpha       ? 
_cell.reciprocal_angle_beta        ? 
_cell.reciprocal_angle_gamma       ? 
_cell.reciprocal_angle_alpha_esd   ? 
_cell.reciprocal_angle_beta_esd    ? 
_cell.reciprocal_angle_gamma_esd   ? 
_cell.reciprocal_length_a          ? 
_cell.reciprocal_length_b          ? 
_cell.reciprocal_length_c          ? 
_cell.reciprocal_length_a_esd      ? 
_cell.reciprocal_length_b_esd      ? 
_cell.reciprocal_length_c_esd      ? 
_cell.pdbx_unique_axis             ? 
_cell.pdbx_esd_method              ? 
# 
_symmetry.entry_id                         7VI5 
_symmetry.cell_setting                     ? 
_symmetry.Int_Tables_number                170 
_symmetry.space_group_name_Hall            ? 
_symmetry.space_group_name_H-M             'P 65' 
_symmetry.pdbx_full_space_group_name_H-M   ? 
# 
_entity.id                         1 
_entity.type                       polymer 
_entity.src_method                 syn 
_entity.pdbx_description           'TIA-1 prion-like domain' 
_entity.formula_weight             1144.215 
_entity.pdbx_number_of_molecules   1 
_entity.pdbx_ec                    ? 
_entity.pdbx_mutation              ? 
_entity.pdbx_fragment              ? 
_entity.details                    ? 
# 
_entity_name_com.entity_id   1 
_entity_name_com.name        'RNA-binding protein TIA-1,T-cell-restricted intracellular antigen-1,TIA-1,p40-TIA-1' 
# 
_entity_poly.entity_id                      1 
_entity_poly.type                           'polypeptide(L)' 
_entity_poly.nstd_linkage                   no 
_entity_poly.nstd_monomer                   no 
_entity_poly.pdbx_seq_one_letter_code       GYRVAGYETQ 
_entity_poly.pdbx_seq_one_letter_code_can   GYRVAGYETQ 
_entity_poly.pdbx_strand_id                 A 
_entity_poly.pdbx_target_identifier         ? 
# 
loop_
_entity_poly_seq.entity_id 
_entity_poly_seq.num 
_entity_poly_seq.mon_id 
_entity_poly_seq.hetero 
1 1  GLY n 
1 2  TYR n 
1 3  ARG n 
1 4  VAL n 
1 5  ALA n 
1 6  GLY n 
1 7  TYR n 
1 8  GLU n 
1 9  THR n 
1 10 GLN n 
# 
_pdbx_entity_src_syn.entity_id              1 
_pdbx_entity_src_syn.pdbx_src_id            1 
_pdbx_entity_src_syn.pdbx_alt_source_flag   sample 
_pdbx_entity_src_syn.pdbx_beg_seq_num       1 
_pdbx_entity_src_syn.pdbx_end_seq_num       10 
_pdbx_entity_src_syn.organism_scientific    'Homo sapiens' 
_pdbx_entity_src_syn.organism_common_name   human 
_pdbx_entity_src_syn.ncbi_taxonomy_id       9606 
_pdbx_entity_src_syn.details                ? 
# 
_struct_ref.id                         1 
_struct_ref.db_name                    UNP 
_struct_ref.db_code                    TIA1_HUMAN 
_struct_ref.pdbx_db_accession          P31483 
_struct_ref.pdbx_db_isoform            ? 
_struct_ref.entity_id                  1 
_struct_ref.pdbx_seq_one_letter_code   GYRVAGYETQ 
_struct_ref.pdbx_align_begin           377 
# 
_struct_ref_seq.align_id                      1 
_struct_ref_seq.ref_id                        1 
_struct_ref_seq.pdbx_PDB_id_code              7VI5 
_struct_ref_seq.pdbx_strand_id                A 
_struct_ref_seq.seq_align_beg                 1 
_struct_ref_seq.pdbx_seq_align_beg_ins_code   ? 
_struct_ref_seq.seq_align_end                 10 
_struct_ref_seq.pdbx_seq_align_end_ins_code   ? 
_struct_ref_seq.pdbx_db_accession             P31483 
_struct_ref_seq.db_align_beg                  377 
_struct_ref_seq.pdbx_db_align_beg_ins_code    ? 
_struct_ref_seq.db_align_end                  386 
_struct_ref_seq.pdbx_db_align_end_ins_code    ? 
_struct_ref_seq.pdbx_auth_seq_align_beg       1 
_struct_ref_seq.pdbx_auth_seq_align_end       10 
# 
loop_
_chem_comp.id 
_chem_comp.type 
_chem_comp.mon_nstd_flag 
_chem_comp.name 
_chem_comp.pdbx_synonyms 
_chem_comp.formula 
_chem_comp.formula_weight 
ALA 'L-peptide linking' y ALANINE         ? 'C3 H7 N O2'     89.093  
ARG 'L-peptide linking' y ARGININE        ? 'C6 H15 N4 O2 1' 175.209 
GLN 'L-peptide linking' y GLUTAMINE       ? 'C5 H10 N2 O3'   146.144 
GLU 'L-peptide linking' y 'GLUTAMIC ACID' ? 'C5 H9 N O4'     147.129 
GLY 'peptide linking'   y GLYCINE         ? 'C2 H5 N O2'     75.067  
THR 'L-peptide linking' y THREONINE       ? 'C4 H9 N O3'     119.119 
TYR 'L-peptide linking' y TYROSINE        ? 'C9 H11 N O3'    181.189 
VAL 'L-peptide linking' y VALINE          ? 'C5 H11 N O2'    117.146 
# 
_exptl.absorpt_coefficient_mu     ? 
_exptl.absorpt_correction_T_max   ? 
_exptl.absorpt_correction_T_min   ? 
_exptl.absorpt_correction_type    ? 
_exptl.absorpt_process_details    ? 
_exptl.entry_id                   7VI5 
_exptl.crystals_number            ? 
_exptl.details                    ? 
_exptl.method                     'ELECTRON CRYSTALLOGRAPHY' 
_exptl.method_details             ? 
# 
_refine.aniso_B[1][1]                            ? 
_refine.aniso_B[1][2]                            ? 
_refine.aniso_B[1][3]                            ? 
_refine.aniso_B[2][2]                            ? 
_refine.aniso_B[2][3]                            ? 
_refine.aniso_B[3][3]                            ? 
_refine.B_iso_max                                33.340 
_refine.B_iso_mean                               12.1368 
_refine.B_iso_min                                0.000 
_refine.correlation_coeff_Fo_to_Fc               ? 
_refine.correlation_coeff_Fo_to_Fc_free          ? 
_refine.details                                  ? 
_refine.diff_density_max                         ? 
_refine.diff_density_max_esd                     ? 
_refine.diff_density_min                         ? 
_refine.diff_density_min_esd                     ? 
_refine.diff_density_rms                         ? 
_refine.diff_density_rms_esd                     ? 
_refine.entry_id                                 7VI5 
_refine.pdbx_refine_id                           'ELECTRON CRYSTALLOGRAPHY' 
_refine.ls_abs_structure_details                 ? 
_refine.ls_abs_structure_Flack                   ? 
_refine.ls_abs_structure_Flack_esd               ? 
_refine.ls_abs_structure_Rogers                  ? 
_refine.ls_abs_structure_Rogers_esd              ? 
_refine.ls_d_res_high                            1.7610 
_refine.ls_d_res_low                             18.8660 
_refine.ls_extinction_coef                       ? 
_refine.ls_extinction_coef_esd                   ? 
_refine.ls_extinction_expression                 ? 
_refine.ls_extinction_method                     ? 
_refine.ls_goodness_of_fit_all                   ? 
_refine.ls_goodness_of_fit_all_esd               ? 
_refine.ls_goodness_of_fit_obs                   ? 
_refine.ls_goodness_of_fit_obs_esd               ? 
_refine.ls_hydrogen_treatment                    ? 
_refine.ls_matrix_type                           ? 
_refine.ls_number_constraints                    ? 
_refine.ls_number_parameters                     ? 
_refine.ls_number_reflns_all                     ? 
_refine.ls_number_reflns_obs                     1149 
_refine.ls_number_reflns_R_free                  114 
_refine.ls_number_reflns_R_work                  1035 
_refine.ls_number_restraints                     ? 
_refine.ls_percent_reflns_obs                    99.9100 
_refine.ls_percent_reflns_R_free                 9.9200 
_refine.ls_R_factor_all                          ? 
_refine.ls_R_factor_obs                          0.2839 
_refine.ls_R_factor_R_free                       0.3473 
_refine.ls_R_factor_R_free_error                 ? 
_refine.ls_R_factor_R_free_error_details         ? 
_refine.ls_R_factor_R_work                       0.2772 
_refine.ls_R_Fsqd_factor_obs                     ? 
_refine.ls_R_I_factor_obs                        ? 
_refine.ls_redundancy_reflns_all                 ? 
_refine.ls_redundancy_reflns_obs                 ? 
_refine.ls_restrained_S_all                      ? 
_refine.ls_restrained_S_obs                      ? 
_refine.ls_shift_over_esd_max                    ? 
_refine.ls_shift_over_esd_mean                   ? 
_refine.ls_structure_factor_coef                 ? 
_refine.ls_weighting_details                     ? 
_refine.ls_weighting_scheme                      ? 
_refine.ls_wR_factor_all                         ? 
_refine.ls_wR_factor_obs                         ? 
_refine.ls_wR_factor_R_free                      ? 
_refine.ls_wR_factor_R_work                      ? 
_refine.occupancy_max                            ? 
_refine.occupancy_min                            ? 
_refine.solvent_model_details                    'FLAT BULK SOLVENT MODEL' 
_refine.solvent_model_param_bsol                 ? 
_refine.solvent_model_param_ksol                 ? 
_refine.pdbx_R_complete                          ? 
_refine.ls_R_factor_gt                           ? 
_refine.ls_goodness_of_fit_gt                    ? 
_refine.ls_goodness_of_fit_ref                   ? 
_refine.ls_shift_over_su_max                     ? 
_refine.ls_shift_over_su_max_lt                  ? 
_refine.ls_shift_over_su_mean                    ? 
_refine.ls_shift_over_su_mean_lt                 ? 
_refine.pdbx_ls_sigma_I                          ? 
_refine.pdbx_ls_sigma_F                          1.420 
_refine.pdbx_ls_sigma_Fsqd                       ? 
_refine.pdbx_data_cutoff_high_absF               ? 
_refine.pdbx_data_cutoff_high_rms_absF           ? 
_refine.pdbx_data_cutoff_low_absF                ? 
_refine.pdbx_isotropic_thermal_model             ? 
_refine.pdbx_ls_cross_valid_method               THROUGHOUT 
_refine.pdbx_method_to_determine_struct          'MOLECULAR REPLACEMENT' 
_refine.pdbx_starting_model                      7VI4 
_refine.pdbx_stereochemistry_target_values       ML 
_refine.pdbx_R_Free_selection_details            ? 
_refine.pdbx_stereochem_target_val_spec_case     ? 
_refine.pdbx_overall_ESU_R                       ? 
_refine.pdbx_overall_ESU_R_Free                  ? 
_refine.pdbx_solvent_vdw_probe_radii             1.1100 
_refine.pdbx_solvent_ion_probe_radii             ? 
_refine.pdbx_solvent_shrinkage_radii             0.9000 
_refine.pdbx_real_space_R                        ? 
_refine.pdbx_density_correlation                 ? 
_refine.pdbx_pd_number_of_powder_patterns        ? 
_refine.pdbx_pd_number_of_points                 ? 
_refine.pdbx_pd_meas_number_of_points            ? 
_refine.pdbx_pd_proc_ls_prof_R_factor            ? 
_refine.pdbx_pd_proc_ls_prof_wR_factor           ? 
_refine.pdbx_pd_Marquardt_correlation_coeff      ? 
_refine.pdbx_pd_Fsqrd_R_factor                   ? 
_refine.pdbx_pd_ls_matrix_band_width             ? 
_refine.pdbx_overall_phase_error                 19.2200 
_refine.pdbx_overall_SU_R_free_Cruickshank_DPI   ? 
_refine.pdbx_overall_SU_R_free_Blow_DPI          ? 
_refine.pdbx_overall_SU_R_Blow_DPI               ? 
_refine.pdbx_TLS_residual_ADP_flag               ? 
_refine.pdbx_diffrn_id                           1 
_refine.overall_SU_B                             ? 
_refine.overall_SU_ML                            0.2900 
_refine.overall_SU_R_Cruickshank_DPI             ? 
_refine.overall_SU_R_free                        ? 
_refine.overall_FOM_free_R_set                   ? 
_refine.overall_FOM_work_R_set                   ? 
_refine.pdbx_average_fsc_overall                 ? 
_refine.pdbx_average_fsc_work                    ? 
_refine.pdbx_average_fsc_free                    ? 
# 
_refine_hist.pdbx_refine_id                   'ELECTRON CRYSTALLOGRAPHY' 
_refine_hist.cycle_id                         final 
_refine_hist.details                          ? 
_refine_hist.d_res_high                       1.76 
_refine_hist.d_res_low                        18.87 
_refine_hist.number_atoms_solvent             0 
_refine_hist.number_atoms_total               76 
_refine_hist.number_reflns_all                ? 
_refine_hist.number_reflns_obs                ? 
_refine_hist.number_reflns_R_free             ? 
_refine_hist.number_reflns_R_work             ? 
_refine_hist.R_factor_all                     ? 
_refine_hist.R_factor_obs                     ? 
_refine_hist.R_factor_R_free                  ? 
_refine_hist.R_factor_R_work                  ? 
_refine_hist.pdbx_number_residues_total       10 
_refine_hist.pdbx_B_iso_mean_ligand           ? 
_refine_hist.pdbx_B_iso_mean_solvent          ? 
_refine_hist.pdbx_number_atoms_protein        ? 
_refine_hist.pdbx_number_atoms_nucleic_acid   ? 
_refine_hist.pdbx_number_atoms_ligand         0 
_refine_hist.pdbx_number_atoms_lipid          ? 
_refine_hist.pdbx_number_atoms_carb           ? 
_refine_hist.pdbx_pseudo_atom_details         ? 
# 
loop_
_refine_ls_restr.pdbx_refine_id 
_refine_ls_restr.criterion 
_refine_ls_restr.dev_ideal 
_refine_ls_restr.dev_ideal_target 
_refine_ls_restr.number 
_refine_ls_restr.rejects 
_refine_ls_restr.type 
_refine_ls_restr.weight 
_refine_ls_restr.pdbx_restraint_function 
'ELECTRON CRYSTALLOGRAPHY' ? 0.009 ? 77  ? f_bond_d           ? ? 
'ELECTRON CRYSTALLOGRAPHY' ? 1.072 ? 103 ? f_angle_d          ? ? 
'ELECTRON CRYSTALLOGRAPHY' ? 0.080 ? 10  ? f_chiral_restr     ? ? 
'ELECTRON CRYSTALLOGRAPHY' ? 0.005 ? 13  ? f_plane_restr      ? ? 
'ELECTRON CRYSTALLOGRAPHY' ? 9.935 ? 25  ? f_dihedral_angle_d ? ? 
# 
loop_
_refine_ls_shell.pdbx_refine_id 
_refine_ls_shell.d_res_high 
_refine_ls_shell.d_res_low 
_refine_ls_shell.number_reflns_all 
_refine_ls_shell.number_reflns_obs 
_refine_ls_shell.number_reflns_R_free 
_refine_ls_shell.number_reflns_R_work 
_refine_ls_shell.percent_reflns_obs 
_refine_ls_shell.percent_reflns_R_free 
_refine_ls_shell.R_factor_all 
_refine_ls_shell.R_factor_obs 
_refine_ls_shell.R_factor_R_free 
_refine_ls_shell.R_factor_R_free_error 
_refine_ls_shell.R_factor_R_work 
_refine_ls_shell.redundancy_reflns_all 
_refine_ls_shell.redundancy_reflns_obs 
_refine_ls_shell.wR_factor_all 
_refine_ls_shell.wR_factor_obs 
_refine_ls_shell.wR_factor_R_free 
_refine_ls_shell.wR_factor_R_work 
_refine_ls_shell.pdbx_R_complete 
_refine_ls_shell.pdbx_total_number_of_bins_used 
_refine_ls_shell.pdbx_phase_error 
_refine_ls_shell.pdbx_fsc_work 
_refine_ls_shell.pdbx_fsc_free 
'ELECTRON CRYSTALLOGRAPHY' 1.761  1.8234 . . 12 97  100.0000 . . . 0.2729 0.0000 0.2168 . . . . . . . . . . . 
'ELECTRON CRYSTALLOGRAPHY' 1.8234 1.8964 . . 11 111 100.0000 . . . 0.5376 0.0000 0.2337 . . . . . . . . . . . 
'ELECTRON CRYSTALLOGRAPHY' 1.8964 1.9826 . . 11 98  100.0000 . . . 0.3799 0.0000 0.2855 . . . . . . . . . . . 
'ELECTRON CRYSTALLOGRAPHY' 1.9826 2.0870 . . 12 94  100.0000 . . . 0.2723 0.0000 0.2727 . . . . . . . . . . . 
'ELECTRON CRYSTALLOGRAPHY' 2.0870 2.2175 . . 9  97  100.0000 . . . 0.3692 0.0000 0.3267 . . . . . . . . . . . 
'ELECTRON CRYSTALLOGRAPHY' 2.2175 2.3884 . . 14 111 100.0000 . . . 0.3265 0.0000 0.2875 . . . . . . . . . . . 
'ELECTRON CRYSTALLOGRAPHY' 2.3884 2.6282 . . 9  100 100.0000 . . . 0.4613 0.0000 0.2879 . . . . . . . . . . . 
'ELECTRON CRYSTALLOGRAPHY' 2.6282 3.0072 . . 10 104 100.0000 . . . 0.3853 0.0000 0.2997 . . . . . . . . . . . 
'ELECTRON CRYSTALLOGRAPHY' 3.0072 3.7838 . . 11 106 100.0000 . . . 0.3303 0.0000 0.2888 . . . . . . . . . . . 
'ELECTRON CRYSTALLOGRAPHY' 3.7838 18.866 . . 15 117 99.0000  . . . 0.2532 0.0000 0.2845 . . . . . . . . . . . 
# 
_struct.entry_id                     7VI5 
_struct.title                        'Electron crystallographic structure of TIA-1 prion-like domain, wild type sequence' 
_struct.pdbx_model_details           ? 
_struct.pdbx_formula_weight          ? 
_struct.pdbx_formula_weight_method   ? 
_struct.pdbx_model_type_details      ? 
_struct.pdbx_CASP_flag               N 
# 
_struct_keywords.entry_id        7VI5 
_struct_keywords.text            'ALS, prion, fibril, PROTEIN FIBRIL' 
_struct_keywords.pdbx_keywords   'PROTEIN FIBRIL' 
# 
_struct_asym.id                            A 
_struct_asym.pdbx_blank_PDB_chainid_flag   N 
_struct_asym.pdbx_modified                 N 
_struct_asym.entity_id                     1 
_struct_asym.details                       ? 
# 
_atom_sites.entry_id                    7VI5 
_atom_sites.Cartn_transf_matrix[1][1]   ? 
_atom_sites.Cartn_transf_matrix[1][2]   ? 
_atom_sites.Cartn_transf_matrix[1][3]   ? 
_atom_sites.Cartn_transf_matrix[2][1]   ? 
_atom_sites.Cartn_transf_matrix[2][2]   ? 
_atom_sites.Cartn_transf_matrix[2][3]   ? 
_atom_sites.Cartn_transf_matrix[3][1]   ? 
_atom_sites.Cartn_transf_matrix[3][2]   ? 
_atom_sites.Cartn_transf_matrix[3][3]   ? 
_atom_sites.Cartn_transf_vector[1]      ? 
_atom_sites.Cartn_transf_vector[2]      ? 
_atom_sites.Cartn_transf_vector[3]      ? 
_atom_sites.fract_transf_matrix[1][1]   -0.01244223 
_atom_sites.fract_transf_matrix[1][2]   0.02337530 
_atom_sites.fract_transf_matrix[1][3]   -0.00108149 
_atom_sites.fract_transf_matrix[2][1]   -0.00196935 
_atom_sites.fract_transf_matrix[2][2]   0.01290822 
_atom_sites.fract_transf_matrix[2][3]   -0.02306199 
_atom_sites.fract_transf_matrix[3][1]   -0.08964645 
_atom_sites.fract_transf_matrix[3][2]   -0.04862206 
_atom_sites.fract_transf_matrix[3][3]   -0.01955940 
_atom_sites.fract_transf_vector[1]      0.489204 
_atom_sites.fract_transf_vector[2]      0.502507 
_atom_sites.fract_transf_vector[3]      -0.099418 
_atom_sites.solution_primary            ? 
_atom_sites.solution_secondary          ? 
_atom_sites.solution_hydrogens          ? 
_atom_sites.special_details             ? 
# 
loop_
_atom_type.symbol 
C 
N 
O 
# 
loop_
_atom_site.group_PDB 
_atom_site.id 
_atom_site.type_symbol 
_atom_site.label_atom_id 
_atom_site.label_alt_id 
_atom_site.label_comp_id 
_atom_site.label_asym_id 
_atom_site.label_entity_id 
_atom_site.label_seq_id 
_atom_site.pdbx_PDB_ins_code 
_atom_site.Cartn_x 
_atom_site.Cartn_y 
_atom_site.Cartn_z 
_atom_site.occupancy 
_atom_site.B_iso_or_equiv 
_atom_site.pdbx_formal_charge 
_atom_site.auth_seq_id 
_atom_site.auth_comp_id 
_atom_site.auth_asym_id 
_atom_site.auth_atom_id 
_atom_site.pdbx_PDB_model_num 
ATOM 1  N N   . GLY A 1 1  ? -5.569 13.673  -8.454 1.00 3.57  ? 1  GLY A N   1 
ATOM 2  C CA  . GLY A 1 1  ? -4.584 12.787  -7.841 1.00 16.06 ? 1  GLY A CA  1 
ATOM 3  C C   . GLY A 1 1  ? -5.157 11.497  -7.281 1.00 6.28  ? 1  GLY A C   1 
ATOM 4  O O   . GLY A 1 1  ? -6.341 11.182  -7.470 1.00 5.94  ? 1  GLY A O   1 
ATOM 5  N N   . TYR A 1 2  ? -4.328 10.731  -6.569 1.00 3.68  ? 2  TYR A N   1 
ATOM 6  C CA  . TYR A 1 2  ? -4.744 9.432   -6.041 1.00 15.22 ? 2  TYR A CA  1 
ATOM 7  C C   . TYR A 1 2  ? -3.807 9.048   -4.909 1.00 5.61  ? 2  TYR A C   1 
ATOM 8  O O   . TYR A 1 2  ? -2.753 9.657   -4.714 1.00 11.76 ? 2  TYR A O   1 
ATOM 9  C CB  . TYR A 1 2  ? -4.719 8.333   -7.113 1.00 6.40  ? 2  TYR A CB  1 
ATOM 10 C CG  . TYR A 1 2  ? -3.302 8.015   -7.527 1.00 9.68  ? 2  TYR A CG  1 
ATOM 11 C CD1 . TYR A 1 2  ? -2.610 6.971   -6.937 1.00 12.41 ? 2  TYR A CD1 1 
ATOM 12 C CD2 . TYR A 1 2  ? -2.645 8.773   -8.487 1.00 13.24 ? 2  TYR A CD2 1 
ATOM 13 C CE1 . TYR A 1 2  ? -1.318 6.677   -7.287 1.00 15.05 ? 2  TYR A CE1 1 
ATOM 14 C CE2 . TYR A 1 2  ? -1.333 8.491   -8.848 1.00 18.51 ? 2  TYR A CE2 1 
ATOM 15 C CZ  . TYR A 1 2  ? -0.675 7.433   -8.244 1.00 13.94 ? 2  TYR A CZ  1 
ATOM 16 O OH  . TYR A 1 2  ? 0.614  7.120   -8.586 1.00 21.28 ? 2  TYR A OH  1 
ATOM 17 N N   . ARG A 1 3  ? -4.208 8.022   -4.168 1.00 2.49  ? 3  ARG A N   1 
ATOM 18 C CA  . ARG A 1 3  ? -3.416 7.478   -3.078 1.00 7.30  ? 3  ARG A CA  1 
ATOM 19 C C   . ARG A 1 3  ? -3.497 5.962   -3.124 1.00 10.10 ? 3  ARG A C   1 
ATOM 20 O O   . ARG A 1 3  ? -4.494 5.411   -3.604 1.00 0.01  ? 3  ARG A O   1 
ATOM 21 C CB  . ARG A 1 3  ? -3.909 8.008   -1.720 1.00 27.37 ? 3  ARG A CB  1 
ATOM 22 C CG  . ARG A 1 3  ? -5.376 7.709   -1.416 1.00 9.88  ? 3  ARG A CG  1 
ATOM 23 C CD  . ARG A 1 3  ? -5.803 8.582   -0.234 1.00 18.49 ? 3  ARG A CD  1 
ATOM 24 N NE  . ARG A 1 3  ? -7.108 8.289   0.345  1.00 24.97 ? 3  ARG A NE  1 
ATOM 25 C CZ  . ARG A 1 3  ? -8.271 8.728   -0.129 1.00 33.34 ? 3  ARG A CZ  1 
ATOM 26 N NH1 . ARG A 1 3  ? -8.316 9.484   -1.211 1.00 18.30 ? 3  ARG A NH1 1 
ATOM 27 N NH2 . ARG A 1 3  ? -9.400 8.405   0.491  1.00 27.58 ? 3  ARG A NH2 1 
ATOM 28 N N   . VAL A 1 4  ? -2.466 5.305   -2.575 1.00 8.53  ? 4  VAL A N   1 
ATOM 29 C CA  . VAL A 1 4  ? -2.281 3.856   -2.685 1.00 5.22  ? 4  VAL A CA  1 
ATOM 30 C C   . VAL A 1 4  ? -1.312 3.395   -1.595 1.00 6.70  ? 4  VAL A C   1 
ATOM 31 O O   . VAL A 1 4  ? -0.406 4.134   -1.191 1.00 7.66  ? 4  VAL A O   1 
ATOM 32 C CB  . VAL A 1 4  ? -1.802 3.457   -4.115 1.00 0.45  ? 4  VAL A CB  1 
ATOM 33 C CG1 . VAL A 1 4  ? -0.490 4.086   -4.497 1.00 4.90  ? 4  VAL A CG1 1 
ATOM 34 C CG2 . VAL A 1 4  ? -1.834 1.917   -4.301 1.00 9.39  ? 4  VAL A CG2 1 
ATOM 35 N N   . ALA A 1 5  ? -1.492 2.157   -1.132 1.00 8.94  ? 5  ALA A N   1 
ATOM 36 C CA  . ALA A 1 5  ? -0.702 1.639   -0.015 1.00 3.32  ? 5  ALA A CA  1 
ATOM 37 C C   . ALA A 1 5  ? -0.832 0.119   0.006  1.00 5.49  ? 5  ALA A C   1 
ATOM 38 O O   . ALA A 1 5  ? -1.781 -0.454  -0.550 1.00 3.57  ? 5  ALA A O   1 
ATOM 39 C CB  . ALA A 1 5  ? -1.141 2.279   1.308  1.00 3.32  ? 5  ALA A CB  1 
ATOM 40 N N   . GLY A 1 6  ? 0.151  -0.524  0.618  1.00 3.42  ? 6  GLY A N   1 
ATOM 41 C CA  . GLY A 1 6  ? 0.219  -1.979  0.655  1.00 9.04  ? 6  GLY A CA  1 
ATOM 42 C C   . GLY A 1 6  ? 0.960  -2.446  1.887  1.00 11.52 ? 6  GLY A C   1 
ATOM 43 O O   . GLY A 1 6  ? 1.815  -1.735  2.425  1.00 12.84 ? 6  GLY A O   1 
ATOM 44 N N   . TYR A 1 7  ? 0.647  -3.664  2.328  1.00 6.08  ? 7  TYR A N   1 
ATOM 45 C CA  . TYR A 1 7  ? 1.308  -4.255  3.493  1.00 5.60  ? 7  TYR A CA  1 
ATOM 46 C C   . TYR A 1 7  ? 1.249  -5.766  3.357  1.00 12.40 ? 7  TYR A C   1 
ATOM 47 O O   . TYR A 1 7  ? 0.255  -6.333  2.876  1.00 3.09  ? 7  TYR A O   1 
ATOM 48 C CB  . TYR A 1 7  ? 0.667  -3.803  4.833  1.00 6.92  ? 7  TYR A CB  1 
ATOM 49 C CG  . TYR A 1 7  ? 1.205  -4.463  6.101  1.00 9.18  ? 7  TYR A CG  1 
ATOM 50 C CD1 . TYR A 1 7  ? 2.012  -3.766  7.002  1.00 7.61  ? 7  TYR A CD1 1 
ATOM 51 C CD2 . TYR A 1 7  ? 0.893  -5.789  6.404  1.00 19.78 ? 7  TYR A CD2 1 
ATOM 52 C CE1 . TYR A 1 7  ? 2.501  -4.392  8.149  1.00 9.76  ? 7  TYR A CE1 1 
ATOM 53 C CE2 . TYR A 1 7  ? 1.367  -6.411  7.530  1.00 15.17 ? 7  TYR A CE2 1 
ATOM 54 C CZ  . TYR A 1 7  ? 2.162  -5.732  8.404  1.00 3.39  ? 7  TYR A CZ  1 
ATOM 55 O OH  . TYR A 1 7  ? 2.618  -6.399  9.523  1.00 8.22  ? 7  TYR A OH  1 
ATOM 56 N N   . GLU A 1 8  ? 2.317  -6.410  3.821  1.00 5.25  ? 8  GLU A N   1 
ATOM 57 C CA  . GLU A 1 8  ? 2.466  -7.851  3.720  1.00 10.43 ? 8  GLU A CA  1 
ATOM 58 C C   . GLU A 1 8  ? 3.440  -8.317  4.787  1.00 17.41 ? 8  GLU A C   1 
ATOM 59 O O   . GLU A 1 8  ? 4.480  -7.682  5.007  1.00 6.33  ? 8  GLU A O   1 
ATOM 60 C CB  . GLU A 1 8  ? 2.974  -8.243  2.331  1.00 11.03 ? 8  GLU A CB  1 
ATOM 61 C CG  . GLU A 1 8  ? 2.893  -9.699  1.989  1.00 24.83 ? 8  GLU A CG  1 
ATOM 62 C CD  . GLU A 1 8  ? 3.265  -9.937  0.543  1.00 25.57 ? 8  GLU A CD  1 
ATOM 63 O OE1 . GLU A 1 8  ? 2.956  -9.070  -0.294 1.00 25.01 ? 8  GLU A OE1 1 
ATOM 64 O OE2 . GLU A 1 8  ? 3.917  -10.952 0.250  1.00 17.96 ? 8  GLU A OE2 1 
ATOM 65 N N   . THR A 1 9  ? 3.100  -9.431  5.438  1.00 13.21 ? 9  THR A N   1 
ATOM 66 C CA  . THR A 1 9  ? 4.050  -10.105 6.313  1.00 23.57 ? 9  THR A CA  1 
ATOM 67 C C   . THR A 1 9  ? 5.242  -10.603 5.497  1.00 15.62 ? 9  THR A C   1 
ATOM 68 O O   . THR A 1 9  ? 5.100  -10.985 4.336  1.00 15.23 ? 9  THR A O   1 
ATOM 69 C CB  . THR A 1 9  ? 3.354  -11.256 7.052  1.00 18.24 ? 9  THR A CB  1 
ATOM 70 O OG1 . THR A 1 9  ? 2.367  -10.716 7.937  1.00 10.95 ? 9  THR A OG1 1 
ATOM 71 C CG2 . THR A 1 9  ? 4.348  -12.092 7.883  1.00 19.54 ? 9  THR A CG2 1 
ATOM 72 N N   . GLN A 1 10 ? 6.430  -10.542 6.096  1.00 19.48 ? 10 GLN A N   1 
ATOM 73 C CA  . GLN A 1 10 ? 7.683  -11.002 5.479  1.00 12.49 ? 10 GLN A CA  1 
ATOM 74 C C   . GLN A 1 10 ? 8.023  -10.172 4.258  1.00 21.03 ? 10 GLN A C   1 
ATOM 75 O O   . GLN A 1 10 ? 8.527  -9.052  4.381  1.00 24.92 ? 10 GLN A O   1 
ATOM 76 C CB  . GLN A 1 10 ? 7.609  -12.488 5.113  1.00 14.34 ? 10 GLN A CB  1 
# 
loop_
_pdbx_poly_seq_scheme.asym_id 
_pdbx_poly_seq_scheme.entity_id 
_pdbx_poly_seq_scheme.seq_id 
_pdbx_poly_seq_scheme.mon_id 
_pdbx_poly_seq_scheme.ndb_seq_num 
_pdbx_poly_seq_scheme.pdb_seq_num 
_pdbx_poly_seq_scheme.auth_seq_num 
_pdbx_poly_seq_scheme.pdb_mon_id 
_pdbx_poly_seq_scheme.auth_mon_id 
_pdbx_poly_seq_scheme.pdb_strand_id 
_pdbx_poly_seq_scheme.pdb_ins_code 
_pdbx_poly_seq_scheme.hetero 
A 1 1  GLY 1  1  1  GLY GLY A . n 
A 1 2  TYR 2  2  2  TYR TYR A . n 
A 1 3  ARG 3  3  3  ARG ARG A . n 
A 1 4  VAL 4  4  4  VAL VAL A . n 
A 1 5  ALA 5  5  5  ALA ALA A . n 
A 1 6  GLY 6  6  6  GLY GLY A . n 
A 1 7  TYR 7  7  7  TYR TYR A . n 
A 1 8  GLU 8  8  8  GLU GLU A . n 
A 1 9  THR 9  9  9  THR THR A . n 
A 1 10 GLN 10 10 10 GLN GLN A . n 
# 
_pdbx_contact_author.id                 3 
_pdbx_contact_author.email              yone@spring8.or.jp 
_pdbx_contact_author.name_first         Koji 
_pdbx_contact_author.name_last          Yonekura 
_pdbx_contact_author.name_mi            ? 
_pdbx_contact_author.role               'principal investigator/group leader' 
_pdbx_contact_author.identifier_ORCID   0000-0001-5520-4391 
# 
_pdbx_struct_assembly.id                   1 
_pdbx_struct_assembly.details              author_defined_assembly 
_pdbx_struct_assembly.method_details       ? 
_pdbx_struct_assembly.oligomeric_details   monomeric 
_pdbx_struct_assembly.oligomeric_count     1 
# 
_pdbx_struct_assembly_gen.assembly_id       1 
_pdbx_struct_assembly_gen.oper_expression   1 
_pdbx_struct_assembly_gen.asym_id_list      A 
# 
_pdbx_struct_oper_list.id                   1 
_pdbx_struct_oper_list.type                 'identity operation' 
_pdbx_struct_oper_list.name                 1_555 
_pdbx_struct_oper_list.symmetry_operation   x,y,z 
_pdbx_struct_oper_list.matrix[1][1]         1.0000000000 
_pdbx_struct_oper_list.matrix[1][2]         0.0000000000 
_pdbx_struct_oper_list.matrix[1][3]         0.0000000000 
_pdbx_struct_oper_list.vector[1]            0.0000000000 
_pdbx_struct_oper_list.matrix[2][1]         0.0000000000 
_pdbx_struct_oper_list.matrix[2][2]         1.0000000000 
_pdbx_struct_oper_list.matrix[2][3]         0.0000000000 
_pdbx_struct_oper_list.vector[2]            0.0000000000 
_pdbx_struct_oper_list.matrix[3][1]         0.0000000000 
_pdbx_struct_oper_list.matrix[3][2]         0.0000000000 
_pdbx_struct_oper_list.matrix[3][3]         1.0000000000 
_pdbx_struct_oper_list.vector[3]            0.0000000000 
# 
loop_
_pdbx_audit_revision_history.ordinal 
_pdbx_audit_revision_history.data_content_type 
_pdbx_audit_revision_history.major_revision 
_pdbx_audit_revision_history.minor_revision 
_pdbx_audit_revision_history.revision_date 
1 'Structure model' 1 0 2022-09-28 
2 'Structure model' 1 1 2023-11-29 
# 
_pdbx_audit_revision_details.ordinal             1 
_pdbx_audit_revision_details.revision_ordinal    1 
_pdbx_audit_revision_details.data_content_type   'Structure model' 
_pdbx_audit_revision_details.provider            repository 
_pdbx_audit_revision_details.type                'Initial release' 
_pdbx_audit_revision_details.description         ? 
_pdbx_audit_revision_details.details             ? 
# 
loop_
_pdbx_audit_revision_group.ordinal 
_pdbx_audit_revision_group.revision_ordinal 
_pdbx_audit_revision_group.data_content_type 
_pdbx_audit_revision_group.group 
1 2 'Structure model' 'Data collection'        
2 2 'Structure model' 'Refinement description' 
# 
loop_
_pdbx_audit_revision_category.ordinal 
_pdbx_audit_revision_category.revision_ordinal 
_pdbx_audit_revision_category.data_content_type 
_pdbx_audit_revision_category.category 
1 2 'Structure model' chem_comp_atom                
2 2 'Structure model' chem_comp_bond                
3 2 'Structure model' pdbx_initial_refinement_model 
# 
loop_
_software.citation_id 
_software.classification 
_software.compiler_name 
_software.compiler_version 
_software.contact_author 
_software.contact_author_email 
_software.date 
_software.description 
_software.dependencies 
_software.hardware 
_software.language 
_software.location 
_software.mods 
_software.name 
_software.os 
_software.os_version 
_software.type 
_software.version 
_software.pdbx_ordinal 
? refinement        ? ? ?                 ?                        ?               ? ? ? ?   ? ? PHENIX      ? ? ?       1.12_2829 
1 
? 'data scaling'    ? ? 'Wolfgang Kabsch' ?                        ?               ? ? ? ?   
http://www.mpimf-heidelberg.mpg.de/~kabsch/xds/html_doc/xscale_program.html ? XSCALE      ? ? package .         2 
? 'data extraction' ? ? PDB               deposit@deposit.rcsb.org 'Oct. 31, 2020' ? ? ? C++ 
http://sw-tools.pdb.org/apps/PDB_EXTRACT/                                   ? PDB_EXTRACT ? ? package 3.27      3 
# 
_em_3d_fitting.entry_id          7VI5 
_em_3d_fitting.id                1 
_em_3d_fitting.details           ? 
_em_3d_fitting.overall_b_value   ? 
_em_3d_fitting.ref_protocol      ? 
_em_3d_fitting.ref_space         ? 
_em_3d_fitting.target_criteria   ? 
_em_3d_fitting.method            ? 
# 
_em_3d_reconstruction.entry_id                    7VI5 
_em_3d_reconstruction.id                          1 
_em_3d_reconstruction.algorithm                   ? 
_em_3d_reconstruction.details                     ? 
_em_3d_reconstruction.refinement_type             ? 
_em_3d_reconstruction.image_processing_id         1 
_em_3d_reconstruction.num_class_averages          ? 
_em_3d_reconstruction.num_particles               ? 
_em_3d_reconstruction.resolution                  ? 
_em_3d_reconstruction.resolution_method           'DIFFRACTION PATTERN/LAYERLINES' 
_em_3d_reconstruction.symmetry_type               '3D CRYSTAL' 
_em_3d_reconstruction.method                      ? 
_em_3d_reconstruction.nominal_pixel_size          ? 
_em_3d_reconstruction.actual_pixel_size           ? 
_em_3d_reconstruction.magnification_calibration   ? 
# 
_em_buffer.id            1 
_em_buffer.details       ? 
_em_buffer.pH            7.5 
_em_buffer.specimen_id   1 
_em_buffer.name          ? 
# 
_em_entity_assembly.id                   1 
_em_entity_assembly.parent_id            0 
_em_entity_assembly.details              ? 
_em_entity_assembly.name                 'Region 2 peptides (G377-Q386) of TIA-1 prion-like domain, wild-type' 
_em_entity_assembly.source               NATURAL 
_em_entity_assembly.type                 CELL 
_em_entity_assembly.entity_id_list       1 
_em_entity_assembly.synonym              ? 
_em_entity_assembly.oligomeric_details   ? 
# 
_em_image_scans.entry_id                7VI5 
_em_image_scans.id                      1 
_em_image_scans.dimension_height        4096 
_em_image_scans.dimension_width         4096 
_em_image_scans.frames_per_image        20 
_em_image_scans.image_recording_id      1 
_em_image_scans.sampling_size           ? 
_em_image_scans.scanner_model           ? 
_em_image_scans.used_frames_per_image   ? 
_em_image_scans.citation_id             ? 
_em_image_scans.number_digital_images   ? 
_em_image_scans.od_range                ? 
_em_image_scans.quant_bit_size          ? 
_em_image_scans.details                 ? 
# 
_em_imaging.id                              1 
_em_imaging.entry_id                        7VI5 
_em_imaging.accelerating_voltage            300 
_em_imaging.alignment_procedure             ? 
_em_imaging.c2_aperture_diameter            ? 
_em_imaging.calibrated_defocus_max          ? 
_em_imaging.calibrated_defocus_min          ? 
_em_imaging.calibrated_magnification        ? 
_em_imaging.cryogen                         ? 
_em_imaging.details                         ? 
_em_imaging.electron_source                 'FIELD EMISSION GUN' 
_em_imaging.illumination_mode               'FLOOD BEAM' 
_em_imaging.microscope_model                'JEOL CRYO ARM 300' 
_em_imaging.mode                            DIFFRACTION 
_em_imaging.nominal_cs                      ? 
_em_imaging.nominal_defocus_max             ? 
_em_imaging.nominal_defocus_min             ? 
_em_imaging.nominal_magnification           ? 
_em_imaging.recording_temperature_maximum   ? 
_em_imaging.recording_temperature_minimum   ? 
_em_imaging.residual_tilt                   ? 
_em_imaging.specimen_holder_model           ? 
_em_imaging.specimen_id                     1 
_em_imaging.citation_id                     ? 
_em_imaging.date                            ? 
_em_imaging.temperature                     ? 
_em_imaging.tilt_angle_min                  ? 
_em_imaging.tilt_angle_max                  ? 
_em_imaging.astigmatism                     ? 
_em_imaging.detector_distance               ? 
_em_imaging.electron_beam_tilt_params       ? 
_em_imaging.specimen_holder_type            ? 
# 
_em_sample_support.id               1 
_em_sample_support.specimen_id      1 
_em_sample_support.details          ? 
_em_sample_support.grid_material    COPPER 
_em_sample_support.grid_mesh_size   200 
_em_sample_support.grid_type        'Quantifoil R1.2/1.3' 
_em_sample_support.method           ? 
_em_sample_support.film_material    ? 
# 
_em_experiment.entry_id                7VI5 
_em_experiment.id                      1 
_em_experiment.aggregation_state       FILAMENT 
_em_experiment.reconstruction_method   CRYSTALLOGRAPHY 
_em_experiment.entity_assembly_id      1 
# 
loop_
_pdbx_unobs_or_zero_occ_atoms.id 
_pdbx_unobs_or_zero_occ_atoms.PDB_model_num 
_pdbx_unobs_or_zero_occ_atoms.polymer_flag 
_pdbx_unobs_or_zero_occ_atoms.occupancy_flag 
_pdbx_unobs_or_zero_occ_atoms.auth_asym_id 
_pdbx_unobs_or_zero_occ_atoms.auth_comp_id 
_pdbx_unobs_or_zero_occ_atoms.auth_seq_id 
_pdbx_unobs_or_zero_occ_atoms.PDB_ins_code 
_pdbx_unobs_or_zero_occ_atoms.auth_atom_id 
_pdbx_unobs_or_zero_occ_atoms.label_alt_id 
_pdbx_unobs_or_zero_occ_atoms.label_asym_id 
_pdbx_unobs_or_zero_occ_atoms.label_comp_id 
_pdbx_unobs_or_zero_occ_atoms.label_seq_id 
_pdbx_unobs_or_zero_occ_atoms.label_atom_id 
1 1 Y 1 A GLN 10 ? CG  ? A GLN 10 CG  
2 1 Y 1 A GLN 10 ? CD  ? A GLN 10 CD  
3 1 Y 1 A GLN 10 ? OE1 ? A GLN 10 OE1 
4 1 Y 1 A GLN 10 ? NE2 ? A GLN 10 NE2 
# 
loop_
_chem_comp_atom.comp_id 
_chem_comp_atom.atom_id 
_chem_comp_atom.type_symbol 
_chem_comp_atom.pdbx_aromatic_flag 
_chem_comp_atom.pdbx_stereo_config 
_chem_comp_atom.pdbx_ordinal 
ALA N    N N N 1   
ALA CA   C N S 2   
ALA C    C N N 3   
ALA O    O N N 4   
ALA CB   C N N 5   
ALA OXT  O N N 6   
ALA H    H N N 7   
ALA H2   H N N 8   
ALA HA   H N N 9   
ALA HB1  H N N 10  
ALA HB2  H N N 11  
ALA HB3  H N N 12  
ALA HXT  H N N 13  
ARG N    N N N 14  
ARG CA   C N S 15  
ARG C    C N N 16  
ARG O    O N N 17  
ARG CB   C N N 18  
ARG CG   C N N 19  
ARG CD   C N N 20  
ARG NE   N N N 21  
ARG CZ   C N N 22  
ARG NH1  N N N 23  
ARG NH2  N N N 24  
ARG OXT  O N N 25  
ARG H    H N N 26  
ARG H2   H N N 27  
ARG HA   H N N 28  
ARG HB2  H N N 29  
ARG HB3  H N N 30  
ARG HG2  H N N 31  
ARG HG3  H N N 32  
ARG HD2  H N N 33  
ARG HD3  H N N 34  
ARG HE   H N N 35  
ARG HH11 H N N 36  
ARG HH12 H N N 37  
ARG HH21 H N N 38  
ARG HH22 H N N 39  
ARG HXT  H N N 40  
GLN N    N N N 41  
GLN CA   C N S 42  
GLN C    C N N 43  
GLN O    O N N 44  
GLN CB   C N N 45  
GLN CG   C N N 46  
GLN CD   C N N 47  
GLN OE1  O N N 48  
GLN NE2  N N N 49  
GLN OXT  O N N 50  
GLN H    H N N 51  
GLN H2   H N N 52  
GLN HA   H N N 53  
GLN HB2  H N N 54  
GLN HB3  H N N 55  
GLN HG2  H N N 56  
GLN HG3  H N N 57  
GLN HE21 H N N 58  
GLN HE22 H N N 59  
GLN HXT  H N N 60  
GLU N    N N N 61  
GLU CA   C N S 62  
GLU C    C N N 63  
GLU O    O N N 64  
GLU CB   C N N 65  
GLU CG   C N N 66  
GLU CD   C N N 67  
GLU OE1  O N N 68  
GLU OE2  O N N 69  
GLU OXT  O N N 70  
GLU H    H N N 71  
GLU H2   H N N 72  
GLU HA   H N N 73  
GLU HB2  H N N 74  
GLU HB3  H N N 75  
GLU HG2  H N N 76  
GLU HG3  H N N 77  
GLU HE2  H N N 78  
GLU HXT  H N N 79  
GLY N    N N N 80  
GLY CA   C N N 81  
GLY C    C N N 82  
GLY O    O N N 83  
GLY OXT  O N N 84  
GLY H    H N N 85  
GLY H2   H N N 86  
GLY HA2  H N N 87  
GLY HA3  H N N 88  
GLY HXT  H N N 89  
THR N    N N N 90  
THR CA   C N S 91  
THR C    C N N 92  
THR O    O N N 93  
THR CB   C N R 94  
THR OG1  O N N 95  
THR CG2  C N N 96  
THR OXT  O N N 97  
THR H    H N N 98  
THR H2   H N N 99  
THR HA   H N N 100 
THR HB   H N N 101 
THR HG1  H N N 102 
THR HG21 H N N 103 
THR HG22 H N N 104 
THR HG23 H N N 105 
THR HXT  H N N 106 
TYR N    N N N 107 
TYR CA   C N S 108 
TYR C    C N N 109 
TYR O    O N N 110 
TYR CB   C N N 111 
TYR CG   C Y N 112 
TYR CD1  C Y N 113 
TYR CD2  C Y N 114 
TYR CE1  C Y N 115 
TYR CE2  C Y N 116 
TYR CZ   C Y N 117 
TYR OH   O N N 118 
TYR OXT  O N N 119 
TYR H    H N N 120 
TYR H2   H N N 121 
TYR HA   H N N 122 
TYR HB2  H N N 123 
TYR HB3  H N N 124 
TYR HD1  H N N 125 
TYR HD2  H N N 126 
TYR HE1  H N N 127 
TYR HE2  H N N 128 
TYR HH   H N N 129 
TYR HXT  H N N 130 
VAL N    N N N 131 
VAL CA   C N S 132 
VAL C    C N N 133 
VAL O    O N N 134 
VAL CB   C N N 135 
VAL CG1  C N N 136 
VAL CG2  C N N 137 
VAL OXT  O N N 138 
VAL H    H N N 139 
VAL H2   H N N 140 
VAL HA   H N N 141 
VAL HB   H N N 142 
VAL HG11 H N N 143 
VAL HG12 H N N 144 
VAL HG13 H N N 145 
VAL HG21 H N N 146 
VAL HG22 H N N 147 
VAL HG23 H N N 148 
VAL HXT  H N N 149 
# 
loop_
_chem_comp_bond.comp_id 
_chem_comp_bond.atom_id_1 
_chem_comp_bond.atom_id_2 
_chem_comp_bond.value_order 
_chem_comp_bond.pdbx_aromatic_flag 
_chem_comp_bond.pdbx_stereo_config 
_chem_comp_bond.pdbx_ordinal 
ALA N   CA   sing N N 1   
ALA N   H    sing N N 2   
ALA N   H2   sing N N 3   
ALA CA  C    sing N N 4   
ALA CA  CB   sing N N 5   
ALA CA  HA   sing N N 6   
ALA C   O    doub N N 7   
ALA C   OXT  sing N N 8   
ALA CB  HB1  sing N N 9   
ALA CB  HB2  sing N N 10  
ALA CB  HB3  sing N N 11  
ALA OXT HXT  sing N N 12  
ARG N   CA   sing N N 13  
ARG N   H    sing N N 14  
ARG N   H2   sing N N 15  
ARG CA  C    sing N N 16  
ARG CA  CB   sing N N 17  
ARG CA  HA   sing N N 18  
ARG C   O    doub N N 19  
ARG C   OXT  sing N N 20  
ARG CB  CG   sing N N 21  
ARG CB  HB2  sing N N 22  
ARG CB  HB3  sing N N 23  
ARG CG  CD   sing N N 24  
ARG CG  HG2  sing N N 25  
ARG CG  HG3  sing N N 26  
ARG CD  NE   sing N N 27  
ARG CD  HD2  sing N N 28  
ARG CD  HD3  sing N N 29  
ARG NE  CZ   sing N N 30  
ARG NE  HE   sing N N 31  
ARG CZ  NH1  sing N N 32  
ARG CZ  NH2  doub N N 33  
ARG NH1 HH11 sing N N 34  
ARG NH1 HH12 sing N N 35  
ARG NH2 HH21 sing N N 36  
ARG NH2 HH22 sing N N 37  
ARG OXT HXT  sing N N 38  
GLN N   CA   sing N N 39  
GLN N   H    sing N N 40  
GLN N   H2   sing N N 41  
GLN CA  C    sing N N 42  
GLN CA  CB   sing N N 43  
GLN CA  HA   sing N N 44  
GLN C   O    doub N N 45  
GLN C   OXT  sing N N 46  
GLN CB  CG   sing N N 47  
GLN CB  HB2  sing N N 48  
GLN CB  HB3  sing N N 49  
GLN CG  CD   sing N N 50  
GLN CG  HG2  sing N N 51  
GLN CG  HG3  sing N N 52  
GLN CD  OE1  doub N N 53  
GLN CD  NE2  sing N N 54  
GLN NE2 HE21 sing N N 55  
GLN NE2 HE22 sing N N 56  
GLN OXT HXT  sing N N 57  
GLU N   CA   sing N N 58  
GLU N   H    sing N N 59  
GLU N   H2   sing N N 60  
GLU CA  C    sing N N 61  
GLU CA  CB   sing N N 62  
GLU CA  HA   sing N N 63  
GLU C   O    doub N N 64  
GLU C   OXT  sing N N 65  
GLU CB  CG   sing N N 66  
GLU CB  HB2  sing N N 67  
GLU CB  HB3  sing N N 68  
GLU CG  CD   sing N N 69  
GLU CG  HG2  sing N N 70  
GLU CG  HG3  sing N N 71  
GLU CD  OE1  doub N N 72  
GLU CD  OE2  sing N N 73  
GLU OE2 HE2  sing N N 74  
GLU OXT HXT  sing N N 75  
GLY N   CA   sing N N 76  
GLY N   H    sing N N 77  
GLY N   H2   sing N N 78  
GLY CA  C    sing N N 79  
GLY CA  HA2  sing N N 80  
GLY CA  HA3  sing N N 81  
GLY C   O    doub N N 82  
GLY C   OXT  sing N N 83  
GLY OXT HXT  sing N N 84  
THR N   CA   sing N N 85  
THR N   H    sing N N 86  
THR N   H2   sing N N 87  
THR CA  C    sing N N 88  
THR CA  CB   sing N N 89  
THR CA  HA   sing N N 90  
THR C   O    doub N N 91  
THR C   OXT  sing N N 92  
THR CB  OG1  sing N N 93  
THR CB  CG2  sing N N 94  
THR CB  HB   sing N N 95  
THR OG1 HG1  sing N N 96  
THR CG2 HG21 sing N N 97  
THR CG2 HG22 sing N N 98  
THR CG2 HG23 sing N N 99  
THR OXT HXT  sing N N 100 
TYR N   CA   sing N N 101 
TYR N   H    sing N N 102 
TYR N   H2   sing N N 103 
TYR CA  C    sing N N 104 
TYR CA  CB   sing N N 105 
TYR CA  HA   sing N N 106 
TYR C   O    doub N N 107 
TYR C   OXT  sing N N 108 
TYR CB  CG   sing N N 109 
TYR CB  HB2  sing N N 110 
TYR CB  HB3  sing N N 111 
TYR CG  CD1  doub Y N 112 
TYR CG  CD2  sing Y N 113 
TYR CD1 CE1  sing Y N 114 
TYR CD1 HD1  sing N N 115 
TYR CD2 CE2  doub Y N 116 
TYR CD2 HD2  sing N N 117 
TYR CE1 CZ   doub Y N 118 
TYR CE1 HE1  sing N N 119 
TYR CE2 CZ   sing Y N 120 
TYR CE2 HE2  sing N N 121 
TYR CZ  OH   sing N N 122 
TYR OH  HH   sing N N 123 
TYR OXT HXT  sing N N 124 
VAL N   CA   sing N N 125 
VAL N   H    sing N N 126 
VAL N   H2   sing N N 127 
VAL CA  C    sing N N 128 
VAL CA  CB   sing N N 129 
VAL CA  HA   sing N N 130 
VAL C   O    doub N N 131 
VAL C   OXT  sing N N 132 
VAL CB  CG1  sing N N 133 
VAL CB  CG2  sing N N 134 
VAL CB  HB   sing N N 135 
VAL CG1 HG11 sing N N 136 
VAL CG1 HG12 sing N N 137 
VAL CG1 HG13 sing N N 138 
VAL CG2 HG21 sing N N 139 
VAL CG2 HG22 sing N N 140 
VAL CG2 HG23 sing N N 141 
VAL OXT HXT  sing N N 142 
# 
_em_3d_crystal_entity.id                    1 
_em_3d_crystal_entity.image_processing_id   1 
_em_3d_crystal_entity.angle_alpha           90 
_em_3d_crystal_entity.angle_beta            90 
_em_3d_crystal_entity.angle_gamma           120 
_em_3d_crystal_entity.length_a              43.57 
_em_3d_crystal_entity.length_b              43.57 
_em_3d_crystal_entity.length_c              9.63 
_em_3d_crystal_entity.space_group_name      'P 65' 
_em_3d_crystal_entity.space_group_num       170 
# 
loop_
_em_buffer_component.buffer_id 
_em_buffer_component.id 
_em_buffer_component.concentration 
_em_buffer_component.concentration_units 
_em_buffer_component.formula 
_em_buffer_component.name 
1 1 0.2 M '(NH4)2HPO4' 'ammonium phosphate' 
1 2 45  % C6H14O2      MPD                  
1 3 0.1 M C8H18N2O4S   HEPES                
# 
_em_ctf_correction.id                       1 
_em_ctf_correction.em_image_processing_id   1 
_em_ctf_correction.type                     NONE 
_em_ctf_correction.details                  ? 
# 
_em_diffraction.id                1 
_em_diffraction.camera_length     1058 
_em_diffraction.imaging_id        1 
_em_diffraction.tilt_angle_list   '-68 to +68, 1 deg./frame' 
# 
_em_diffraction_shell.id                        1 
_em_diffraction_shell.em_diffraction_stats_id   1 
_em_diffraction_shell.fourier_space_coverage    99.7 
_em_diffraction_shell.high_resolution           1.76 
_em_diffraction_shell.low_resolution            18.9 
_em_diffraction_shell.multiplicity              22.4 
_em_diffraction_shell.num_structure_factors     1149 
_em_diffraction_shell.phase_residual            33.9 
# 
_em_diffraction_stats.id                               1 
_em_diffraction_stats.details                          ? 
_em_diffraction_stats.image_processing_id              1 
_em_diffraction_stats.fourier_space_coverage           99.7 
_em_diffraction_stats.high_resolution                  1.76 
_em_diffraction_stats.num_intensities_measured         25738 
_em_diffraction_stats.num_structure_factors            1149 
_em_diffraction_stats.overall_phase_error              ? 
_em_diffraction_stats.overall_phase_residual           ? 
_em_diffraction_stats.phase_error_rejection_criteria   None 
_em_diffraction_stats.r_merge                          34.5 
_em_diffraction_stats.r_sym                            ? 
# 
_em_entity_assembly_naturalsource.id                   1 
_em_entity_assembly_naturalsource.entity_assembly_id   1 
_em_entity_assembly_naturalsource.cell                 ? 
_em_entity_assembly_naturalsource.cellular_location    ? 
_em_entity_assembly_naturalsource.ncbi_tax_id          32630 
_em_entity_assembly_naturalsource.organ                ? 
_em_entity_assembly_naturalsource.organelle            ? 
_em_entity_assembly_naturalsource.organism             'synthetic construct' 
_em_entity_assembly_naturalsource.strain               ? 
_em_entity_assembly_naturalsource.tissue               ? 
# 
_em_image_processing.id                   1 
_em_image_processing.image_recording_id   1 
_em_image_processing.details              ? 
# 
_em_image_recording.id                                  1 
_em_image_recording.imaging_id                          1 
_em_image_recording.avg_electron_dose_per_image         0.02 
_em_image_recording.average_exposure_time               1.0 
_em_image_recording.details                             ? 
_em_image_recording.detector_mode                       INTEGRATING 
_em_image_recording.film_or_detector_model              'DIRECT ELECTRON DE-64 (8k x 8k)' 
_em_image_recording.num_diffraction_images              ? 
_em_image_recording.num_grids_imaged                    ? 
_em_image_recording.num_real_images                     ? 
_em_image_recording.avg_electron_dose_per_subtomogram   ? 
# 
loop_
_em_software.id 
_em_software.category 
_em_software.details 
_em_software.name 
_em_software.version 
_em_software.image_processing_id 
_em_software.fitting_id 
_em_software.imaging_id 
1  'SERIES ALIGNMENT'              ? ?      ? 1 1 1 
2  MASKING                         ? ?      ? ? ? ? 
3  'CTF CORRECTION'                ? ?      ? 1 ? ? 
4  'LAYERLINE INDEXING'            ? ?      ? ? ? ? 
5  'DIFFRACTION INDEXING'          ? ?      ? ? ? ? 
6  'MODEL FITTING'                 ? ?      ? ? 1 ? 
7  OTHER                           ? ?      ? ? ? ? 
8  'MOLECULAR REPLACEMENT'         ? ?      ? 1 ? ? 
9  'LATTICE DISTORTION CORRECTION' ? ?      ? 1 ? ? 
10 'SYMMETRY DETERMINATION'        ? ?      ? 1 ? ? 
11 'CRYSTALLOGRAPHY MERGING'       ? ?      ? 1 ? ? 
12 RECONSTRUCTION                  ? ?      ? 1 ? ? 
13 'MODEL REFINEMENT'              ? PHENIX ? ? 1 ? 
# 
_em_specimen.id                      1 
_em_specimen.experiment_id           1 
_em_specimen.concentration           10 
_em_specimen.details                 ? 
_em_specimen.embedding_applied       NO 
_em_specimen.shadowing_applied       NO 
_em_specimen.staining_applied        NO 
_em_specimen.vitrification_applied   NO 
# 
loop_
_pdbx_audit_support.funding_organization 
_pdbx_audit_support.country 
_pdbx_audit_support.grant_number 
_pdbx_audit_support.ordinal 
'Japan Society for the Promotion of Science (JSPS)'        Japan JP19K06584      1 
'Japan Science and Technology'                             Japan JPMJCR1762      2 
'Japan Science and Technology'                             Japan JPMJMI20G5      3 
'Japan Agency for Medical Research and Development (AMED)' Japan JPMXS0421700121 4 
'Japan Agency for Medical Research and Development (AMED)' Japan ?               5 
# 
_pdbx_initial_refinement_model.id               1 
_pdbx_initial_refinement_model.entity_id_list   ? 
_pdbx_initial_refinement_model.type             'experimental model' 
_pdbx_initial_refinement_model.source_name      PDB 
_pdbx_initial_refinement_model.accession_code   7VI4 
_pdbx_initial_refinement_model.details          ? 
# 
_pdbx_related_exp_data_set.data_reference       10.5281/zenodo.6923395 
_pdbx_related_exp_data_set.data_set_type        'diffraction image data' 
_pdbx_related_exp_data_set.details              ? 
_pdbx_related_exp_data_set.metadata_reference   ? 
_pdbx_related_exp_data_set.ordinal              1 
# 
_pdbx_struct_assembly_auth_evidence.id                     1 
_pdbx_struct_assembly_auth_evidence.assembly_id            1 
_pdbx_struct_assembly_auth_evidence.experimental_support   'electron microscopy' 
_pdbx_struct_assembly_auth_evidence.details                ? 
# 
